data_5YR7
#
_entry.id   5YR7
#
_cell.length_a   47.414
_cell.length_b   77.193
_cell.length_c   48.220
_cell.angle_alpha   90.000
_cell.angle_beta   92.030
_cell.angle_gamma   90.000
#
_symmetry.space_group_name_H-M   'P 1 21 1'
#
loop_
_entity.id
_entity.type
_entity.pdbx_description
1 polymer 'Methionine aminopeptidase 1'
2 non-polymer 'COBALT (II) ION'
3 non-polymer 'SODIUM ION'
4 non-polymer METHIONINE
5 water water
#
_entity_poly.entity_id   1
_entity_poly.type   'polypeptide(L)'
_entity_poly.pdbx_seq_one_letter_code
;MGSSHHHHHHSSGLVPRGSHMPYRYTGKLRPHYPLMPTRPVPSYIQRPDYADHPLGMSESEQALKGTSQIKLLSSEDIEG
MRLVCRLAREVLDVAAGMIKPGVTTEEIDHAVHLACIARNCYPSPLNYYNFPKSCCTSVNEVICHGIPDRRPLQEGDIVN
VDITLYRNGYHGDLNETFFVGEVDDGARKLVQTTYECLMQAIDAVKPGVRYRELGNIIQKHAQANGFSVVRSYCGHGIHK
LLHTAPNVPHYAKNKAVGVMKSGHVFTIEPMICEGGWQDETWPDGWTAVTRDGKRSAQFEHTLLVTDTGCEILTRRLDSA
RPHFMSQF
;
_entity_poly.pdbx_strand_id   A
#
loop_
_chem_comp.id
_chem_comp.type
_chem_comp.name
_chem_comp.formula
CO non-polymer 'COBALT (II) ION' 'Co 2'
NA non-polymer 'SODIUM ION' 'Na 1'
#
# COMPACT_ATOMS: atom_id res chain seq x y z
N TYR A 23 -9.87 -7.77 -24.17
CA TYR A 23 -8.62 -7.55 -23.42
C TYR A 23 -7.91 -8.87 -23.26
N ARG A 24 -6.61 -8.89 -23.47
CA ARG A 24 -5.82 -10.10 -23.22
C ARG A 24 -5.31 -10.14 -21.75
N TYR A 25 -5.84 -11.07 -20.95
CA TYR A 25 -5.47 -11.22 -19.52
C TYR A 25 -4.09 -11.80 -19.43
N THR A 26 -3.26 -11.33 -18.48
CA THR A 26 -1.87 -11.77 -18.47
C THR A 26 -1.70 -13.12 -17.75
N GLY A 27 -2.70 -13.56 -17.02
CA GLY A 27 -2.57 -14.78 -16.23
C GLY A 27 -3.92 -15.42 -16.07
N LYS A 28 -4.07 -16.25 -15.05
CA LYS A 28 -5.35 -16.91 -14.78
C LYS A 28 -6.42 -15.92 -14.30
N LEU A 29 -5.99 -14.93 -13.54
CA LEU A 29 -6.91 -14.19 -12.68
C LEU A 29 -7.85 -13.38 -13.54
N ARG A 30 -9.11 -13.37 -13.13
CA ARG A 30 -10.15 -12.57 -13.78
C ARG A 30 -10.89 -11.69 -12.74
N PRO A 31 -11.40 -10.51 -13.16
CA PRO A 31 -12.34 -9.80 -12.30
C PRO A 31 -13.66 -10.61 -12.13
N HIS A 32 -14.36 -10.47 -11.01
CA HIS A 32 -15.58 -11.25 -10.78
C HIS A 32 -16.67 -10.29 -10.38
N TYR A 33 -17.53 -9.97 -11.33
CA TYR A 33 -18.61 -9.00 -11.18
C TYR A 33 -19.95 -9.73 -10.96
N PRO A 34 -21.00 -9.05 -10.49
CA PRO A 34 -21.05 -7.61 -10.24
C PRO A 34 -20.39 -7.26 -8.94
N LEU A 35 -19.97 -6.00 -8.81
CA LEU A 35 -19.52 -5.52 -7.53
C LEU A 35 -20.76 -5.15 -6.70
N MET A 36 -20.67 -5.38 -5.40
CA MET A 36 -21.70 -4.92 -4.46
C MET A 36 -21.79 -3.41 -4.55
N PRO A 37 -23.03 -2.90 -4.51
CA PRO A 37 -23.26 -1.44 -4.58
C PRO A 37 -22.30 -0.68 -3.67
N THR A 38 -21.82 0.49 -4.10
CA THR A 38 -20.75 1.15 -3.34
C THR A 38 -21.27 1.37 -1.91
N ARG A 39 -20.46 1.04 -0.91
CA ARG A 39 -20.87 1.13 0.51
C ARG A 39 -20.74 2.59 0.93
N PRO A 40 -21.75 3.16 1.66
CA PRO A 40 -21.66 4.57 2.11
C PRO A 40 -21.00 4.77 3.50
N VAL A 41 -20.61 6.02 3.75
CA VAL A 41 -19.80 6.39 4.90
C VAL A 41 -20.57 7.47 5.66
N PRO A 42 -21.03 7.20 6.90
CA PRO A 42 -21.91 8.21 7.52
C PRO A 42 -21.24 9.57 7.62
N SER A 43 -22.02 10.64 7.40
CA SER A 43 -21.45 12.02 7.33
C SER A 43 -20.84 12.54 8.62
N TYR A 44 -21.04 11.84 9.73
CA TYR A 44 -20.31 12.20 10.95
C TYR A 44 -18.80 11.91 10.82
N ILE A 45 -18.40 11.02 9.88
CA ILE A 45 -16.96 10.90 9.52
C ILE A 45 -16.47 12.00 8.59
N GLN A 46 -15.35 12.62 8.96
CA GLN A 46 -14.79 13.66 8.16
C GLN A 46 -14.24 13.03 6.86
N ARG A 47 -14.40 13.76 5.76
CA ARG A 47 -14.11 13.29 4.43
C ARG A 47 -12.95 14.04 3.86
N PRO A 48 -12.12 13.38 3.04
CA PRO A 48 -11.11 14.12 2.25
C PRO A 48 -11.76 14.78 1.02
N ASP A 49 -11.13 15.81 0.46
CA ASP A 49 -11.73 16.59 -0.63
C ASP A 49 -12.32 15.69 -1.73
N TYR A 50 -11.49 14.78 -2.23
CA TYR A 50 -11.83 13.95 -3.39
C TYR A 50 -13.10 13.11 -3.24
N ALA A 51 -13.44 12.77 -2.00
CA ALA A 51 -14.64 12.01 -1.64
C ALA A 51 -15.93 12.42 -2.37
N ASP A 52 -16.10 13.73 -2.61
CA ASP A 52 -17.28 14.27 -3.33
C ASP A 52 -16.98 14.97 -4.66
N HIS A 53 -15.72 14.99 -5.09
CA HIS A 53 -15.42 15.42 -6.44
C HIS A 53 -15.95 14.31 -7.35
N PRO A 54 -16.62 14.67 -8.45
CA PRO A 54 -17.32 13.66 -9.24
C PRO A 54 -16.42 12.68 -9.97
N LEU A 55 -15.21 13.11 -10.32
CA LEU A 55 -14.16 12.17 -10.84
C LEU A 55 -13.17 11.63 -9.77
N GLY A 56 -13.33 12.09 -8.53
CA GLY A 56 -12.48 11.67 -7.42
C GLY A 56 -11.15 12.40 -7.39
N MET A 57 -11.07 13.56 -8.02
CA MET A 57 -9.78 14.29 -8.06
C MET A 57 -9.58 14.99 -6.71
N SER A 58 -8.34 15.10 -6.24
CA SER A 58 -8.07 15.86 -5.06
C SER A 58 -7.54 17.26 -5.46
N GLU A 59 -8.24 18.27 -5.05
CA GLU A 59 -7.88 19.62 -5.45
C GLU A 59 -6.57 19.99 -4.73
N SER A 60 -6.53 19.82 -3.42
CA SER A 60 -5.30 20.08 -2.69
C SER A 60 -4.07 19.31 -3.24
N GLU A 61 -4.26 18.11 -3.79
CA GLU A 61 -3.15 17.36 -4.42
C GLU A 61 -2.76 17.96 -5.75
N GLN A 62 -3.74 18.32 -6.56
CA GLN A 62 -3.45 18.97 -7.83
C GLN A 62 -2.71 20.28 -7.62
N ALA A 63 -3.12 21.08 -6.63
CA ALA A 63 -2.43 22.35 -6.30
C ALA A 63 -0.92 22.16 -6.14
N LEU A 64 -0.50 21.20 -5.31
CA LEU A 64 0.94 20.90 -5.13
C LEU A 64 1.61 20.03 -6.21
N LYS A 65 0.87 19.63 -7.26
CA LYS A 65 1.46 18.86 -8.36
C LYS A 65 2.63 19.65 -8.90
N GLY A 66 3.71 18.95 -9.25
CA GLY A 66 4.89 19.61 -9.81
C GLY A 66 5.65 20.49 -8.82
N THR A 67 5.60 20.10 -7.56
CA THR A 67 6.49 20.57 -6.51
C THR A 67 7.31 19.33 -6.09
N SER A 68 8.61 19.50 -5.83
CA SER A 68 9.47 18.40 -5.32
C SER A 68 9.84 18.65 -3.85
N GLN A 69 8.99 19.40 -3.17
CA GLN A 69 9.30 20.09 -1.93
C GLN A 69 8.49 19.45 -0.80
N ILE A 70 9.15 19.13 0.30
CA ILE A 70 8.66 18.14 1.23
C ILE A 70 8.28 18.78 2.59
N LYS A 71 7.01 18.69 2.95
CA LYS A 71 6.52 19.29 4.19
C LYS A 71 7.34 18.78 5.41
N LEU A 72 7.49 19.65 6.42
CA LEU A 72 8.09 19.28 7.71
C LEU A 72 6.95 19.24 8.68
N LEU A 73 6.68 18.08 9.24
CA LEU A 73 5.55 17.93 10.14
C LEU A 73 5.75 18.69 11.44
N SER A 74 4.71 19.40 11.87
CA SER A 74 4.64 19.97 13.20
C SER A 74 4.43 18.85 14.23
N SER A 75 4.67 19.17 15.48
CA SER A 75 4.32 18.26 16.58
C SER A 75 2.88 17.77 16.50
N GLU A 76 1.97 18.69 16.14
CA GLU A 76 0.57 18.33 15.88
C GLU A 76 0.36 17.46 14.60
N ASP A 77 1.15 17.70 13.56
CA ASP A 77 1.16 16.83 12.35
C ASP A 77 1.58 15.41 12.69
N ILE A 78 2.71 15.30 13.40
CA ILE A 78 3.18 14.00 13.85
C ILE A 78 2.09 13.27 14.60
N GLU A 79 1.41 13.98 15.51
CA GLU A 79 0.41 13.35 16.38
C GLU A 79 -0.78 12.80 15.62
N GLY A 80 -1.19 13.57 14.61
CA GLY A 80 -2.18 13.14 13.67
C GLY A 80 -1.66 11.95 12.85
N MET A 81 -0.51 12.07 12.26
CA MET A 81 0.09 10.90 11.59
C MET A 81 0.26 9.63 12.48
N ARG A 82 0.68 9.79 13.73
CA ARG A 82 0.75 8.68 14.66
C ARG A 82 -0.57 8.00 14.92
N LEU A 83 -1.60 8.81 15.09
CA LEU A 83 -2.91 8.28 15.44
C LEU A 83 -3.48 7.56 14.23
N VAL A 84 -3.54 8.26 13.09
CA VAL A 84 -4.11 7.62 11.87
C VAL A 84 -3.38 6.31 11.45
N CYS A 85 -2.05 6.32 11.50
CA CYS A 85 -1.27 5.14 11.14
C CYS A 85 -1.49 3.96 12.10
N ARG A 86 -1.82 4.23 13.37
CA ARG A 86 -1.99 3.13 14.34
C ARG A 86 -3.33 2.51 14.08
N LEU A 87 -4.30 3.35 13.70
CA LEU A 87 -5.65 2.89 13.40
C LEU A 87 -5.62 2.12 12.07
N ALA A 88 -4.78 2.55 11.16
CA ALA A 88 -4.67 1.83 9.90
C ALA A 88 -4.13 0.44 10.13
N ARG A 89 -3.12 0.33 10.99
CA ARG A 89 -2.60 -0.99 11.46
C ARG A 89 -3.71 -1.87 11.98
N GLU A 90 -4.57 -1.32 12.84
CA GLU A 90 -5.63 -2.10 13.44
C GLU A 90 -6.58 -2.67 12.43
N VAL A 91 -6.87 -1.84 11.43
CA VAL A 91 -7.79 -2.22 10.36
C VAL A 91 -7.09 -3.25 9.47
N LEU A 92 -5.80 -3.10 9.20
CA LEU A 92 -5.15 -4.17 8.43
C LEU A 92 -5.11 -5.51 9.22
N ASP A 93 -4.92 -5.43 10.53
CA ASP A 93 -4.91 -6.62 11.36
C ASP A 93 -6.23 -7.38 11.31
N VAL A 94 -7.32 -6.63 11.14
CA VAL A 94 -8.67 -7.16 10.95
C VAL A 94 -8.70 -7.99 9.68
N ALA A 95 -8.30 -7.39 8.57
CA ALA A 95 -8.33 -8.05 7.30
C ALA A 95 -7.50 -9.32 7.29
N ALA A 96 -6.36 -9.30 7.98
CA ALA A 96 -5.39 -10.42 8.06
C ALA A 96 -6.00 -11.63 8.74
N GLY A 97 -6.88 -11.40 9.71
CA GLY A 97 -7.64 -12.46 10.33
C GLY A 97 -8.54 -13.24 9.39
N MET A 98 -8.92 -12.64 8.26
CA MET A 98 -9.89 -13.23 7.32
C MET A 98 -9.30 -13.99 6.16
N ILE A 99 -7.98 -14.00 6.07
CA ILE A 99 -7.34 -14.59 4.91
C ILE A 99 -7.37 -16.14 5.05
N LYS A 100 -8.44 -16.74 4.58
CA LYS A 100 -8.51 -18.20 4.43
C LYS A 100 -9.12 -18.53 3.07
N PRO A 101 -9.07 -19.80 2.65
CA PRO A 101 -9.75 -20.17 1.41
C PRO A 101 -11.27 -19.99 1.49
N GLY A 102 -11.89 -19.61 0.35
CA GLY A 102 -13.34 -19.34 0.29
C GLY A 102 -13.84 -17.98 0.73
N VAL A 103 -13.00 -17.17 1.41
CA VAL A 103 -13.35 -15.76 1.65
C VAL A 103 -13.11 -14.93 0.36
N THR A 104 -14.04 -14.03 0.07
CA THR A 104 -13.92 -13.14 -1.09
C THR A 104 -13.24 -11.83 -0.68
N THR A 105 -12.51 -11.26 -1.62
CA THR A 105 -11.95 -9.92 -1.45
C THR A 105 -13.01 -8.89 -1.05
N GLU A 106 -14.22 -9.03 -1.59
CA GLU A 106 -15.38 -8.21 -1.21
C GLU A 106 -15.71 -8.22 0.28
N GLU A 107 -15.79 -9.45 0.81
CA GLU A 107 -16.04 -9.69 2.24
C GLU A 107 -14.97 -9.08 3.11
N ILE A 108 -13.72 -9.20 2.66
CA ILE A 108 -12.62 -8.46 3.34
C ILE A 108 -12.85 -6.96 3.33
N ASP A 109 -13.14 -6.42 2.17
CA ASP A 109 -13.29 -4.97 2.01
C ASP A 109 -14.48 -4.50 2.85
N HIS A 110 -15.53 -5.34 2.90
CA HIS A 110 -16.72 -5.02 3.74
C HIS A 110 -16.31 -4.83 5.20
N ALA A 111 -15.60 -5.81 5.75
CA ALA A 111 -15.16 -5.73 7.12
C ALA A 111 -14.20 -4.55 7.27
N VAL A 112 -13.29 -4.33 6.30
CA VAL A 112 -12.39 -3.17 6.38
C VAL A 112 -13.17 -1.89 6.49
N HIS A 113 -14.22 -1.80 5.66
CA HIS A 113 -15.08 -0.61 5.57
C HIS A 113 -15.76 -0.35 6.92
N LEU A 114 -16.38 -1.39 7.47
CA LEU A 114 -16.95 -1.29 8.82
C LEU A 114 -15.92 -0.89 9.88
N ALA A 115 -14.76 -1.55 9.88
CA ALA A 115 -13.68 -1.27 10.87
C ALA A 115 -13.13 0.18 10.78
N CYS A 116 -13.13 0.74 9.58
N CYS A 116 -13.14 0.72 9.56
CA CYS A 116 -12.80 2.16 9.41
CA CYS A 116 -12.86 2.12 9.31
C CYS A 116 -13.87 3.07 10.07
C CYS A 116 -13.85 3.05 10.02
N ILE A 117 -15.14 2.73 9.86
CA ILE A 117 -16.26 3.51 10.45
C ILE A 117 -16.18 3.52 12.00
N ALA A 118 -16.06 2.33 12.59
CA ALA A 118 -15.89 2.17 14.03
C ALA A 118 -14.77 3.01 14.65
N ARG A 119 -13.73 3.35 13.90
CA ARG A 119 -12.67 4.19 14.39
C ARG A 119 -12.82 5.59 13.87
N ASN A 120 -13.99 5.97 13.35
CA ASN A 120 -14.19 7.36 12.88
C ASN A 120 -13.19 7.82 11.82
N CYS A 121 -12.86 6.88 10.95
CA CYS A 121 -11.98 7.17 9.83
C CYS A 121 -12.75 6.90 8.53
N TYR A 122 -12.47 7.73 7.55
CA TYR A 122 -12.87 7.50 6.18
C TYR A 122 -11.86 6.56 5.51
N PRO A 123 -12.31 5.53 4.80
CA PRO A 123 -11.38 4.68 4.05
C PRO A 123 -10.82 5.42 2.83
N SER A 124 -9.57 5.83 2.90
CA SER A 124 -9.02 6.74 1.90
C SER A 124 -9.16 6.31 0.43
N PRO A 125 -9.11 4.98 0.10
CA PRO A 125 -9.21 4.67 -1.37
C PRO A 125 -10.57 5.00 -1.93
N LEU A 126 -11.62 5.08 -1.07
CA LEU A 126 -12.99 5.11 -1.51
C LEU A 126 -13.22 6.43 -2.27
N ASN A 127 -13.50 6.27 -3.58
CA ASN A 127 -13.66 7.34 -4.58
C ASN A 127 -12.39 8.14 -4.87
N TYR A 128 -11.21 7.62 -4.49
CA TYR A 128 -9.97 8.28 -4.84
C TYR A 128 -9.83 7.99 -6.33
N TYR A 129 -9.89 9.04 -7.12
CA TYR A 129 -9.96 8.92 -8.57
C TYR A 129 -11.00 7.85 -8.96
N ASN A 130 -12.16 7.91 -8.36
CA ASN A 130 -13.25 6.94 -8.60
C ASN A 130 -13.00 5.46 -8.27
N PHE A 131 -11.92 5.16 -7.53
CA PHE A 131 -11.71 3.83 -7.01
C PHE A 131 -12.96 3.49 -6.20
N PRO A 132 -13.60 2.34 -6.50
CA PRO A 132 -14.98 2.14 -6.01
C PRO A 132 -15.07 1.33 -4.70
N LYS A 133 -13.95 1.12 -4.00
CA LYS A 133 -13.93 0.21 -2.84
C LYS A 133 -13.06 0.87 -1.78
N SER A 134 -12.87 0.18 -0.65
CA SER A 134 -12.43 0.78 0.61
C SER A 134 -11.04 0.40 1.00
N CYS A 135 -10.42 -0.46 0.16
CA CYS A 135 -9.09 -0.97 0.32
C CYS A 135 -8.72 -1.70 -1.01
N CYS A 136 -7.45 -2.02 -1.16
CA CYS A 136 -6.95 -2.71 -2.35
C CYS A 136 -6.54 -4.11 -1.98
N THR A 137 -7.09 -5.06 -2.74
CA THR A 137 -6.81 -6.46 -2.59
C THR A 137 -6.18 -7.01 -3.87
N SER A 138 -4.89 -7.34 -3.79
CA SER A 138 -4.08 -7.80 -4.92
C SER A 138 -3.68 -9.29 -4.75
N VAL A 139 -4.22 -10.14 -5.64
CA VAL A 139 -3.95 -11.58 -5.72
C VAL A 139 -2.91 -11.94 -6.79
N ASN A 140 -1.91 -12.71 -6.37
CA ASN A 140 -0.92 -13.37 -7.28
C ASN A 140 -0.28 -12.42 -8.26
N GLU A 141 -0.78 -12.34 -9.49
CA GLU A 141 -0.11 -11.56 -10.52
C GLU A 141 -0.48 -10.12 -10.42
N VAL A 142 -1.47 -9.79 -9.57
CA VAL A 142 -1.81 -8.40 -9.40
C VAL A 142 -0.66 -7.77 -8.62
N ILE A 143 -0.13 -6.69 -9.15
CA ILE A 143 0.91 -5.94 -8.50
C ILE A 143 0.35 -5.06 -7.38
N CYS A 144 -0.66 -4.29 -7.71
CA CYS A 144 -1.23 -3.34 -6.75
C CYS A 144 -2.57 -2.87 -7.27
N HIS A 145 -3.37 -2.24 -6.39
CA HIS A 145 -4.64 -1.66 -6.80
C HIS A 145 -5.76 -2.63 -7.29
N GLY A 146 -5.73 -3.86 -6.81
CA GLY A 146 -6.83 -4.77 -7.06
C GLY A 146 -8.12 -4.31 -6.38
N ILE A 147 -9.22 -4.51 -7.10
CA ILE A 147 -10.54 -4.10 -6.70
C ILE A 147 -11.22 -5.29 -6.04
N PRO A 148 -11.51 -5.17 -4.72
CA PRO A 148 -12.34 -6.17 -4.07
C PRO A 148 -13.56 -6.58 -4.91
N ASP A 149 -13.76 -7.90 -5.05
CA ASP A 149 -14.82 -8.46 -5.88
C ASP A 149 -15.31 -9.83 -5.35
N ARG A 150 -16.08 -10.57 -6.15
CA ARG A 150 -16.74 -11.79 -5.69
C ARG A 150 -15.82 -12.98 -5.70
N ARG A 151 -14.59 -12.84 -6.19
CA ARG A 151 -13.67 -14.01 -6.23
C ARG A 151 -13.37 -14.55 -4.82
N PRO A 152 -13.79 -15.82 -4.53
CA PRO A 152 -13.34 -16.51 -3.33
C PRO A 152 -11.85 -16.84 -3.42
N LEU A 153 -11.10 -16.52 -2.37
CA LEU A 153 -9.68 -16.85 -2.32
C LEU A 153 -9.48 -18.38 -2.35
N GLN A 154 -8.47 -18.80 -3.11
CA GLN A 154 -8.14 -20.20 -3.37
C GLN A 154 -6.80 -20.58 -2.70
N GLU A 155 -6.73 -21.82 -2.23
CA GLU A 155 -5.49 -22.42 -1.68
C GLU A 155 -4.33 -22.11 -2.56
N GLY A 156 -3.23 -21.65 -1.97
CA GLY A 156 -2.02 -21.34 -2.75
C GLY A 156 -1.96 -19.93 -3.28
N ASP A 157 -2.98 -19.13 -3.06
CA ASP A 157 -2.97 -17.70 -3.48
C ASP A 157 -2.07 -16.92 -2.52
N ILE A 158 -1.42 -15.88 -3.04
CA ILE A 158 -0.88 -14.82 -2.19
C ILE A 158 -1.81 -13.65 -2.36
N VAL A 159 -2.10 -12.92 -1.28
CA VAL A 159 -2.99 -11.77 -1.33
C VAL A 159 -2.47 -10.60 -0.48
N ASN A 160 -2.31 -9.45 -1.13
CA ASN A 160 -1.97 -8.22 -0.46
C ASN A 160 -3.24 -7.44 -0.19
N VAL A 161 -3.38 -6.94 1.03
CA VAL A 161 -4.39 -5.97 1.41
C VAL A 161 -3.65 -4.67 1.75
N ASP A 162 -4.01 -3.58 1.04
CA ASP A 162 -3.47 -2.31 1.22
C ASP A 162 -4.53 -1.41 1.91
N ILE A 163 -4.26 -0.97 3.13
CA ILE A 163 -5.15 -0.12 3.93
C ILE A 163 -4.64 1.31 3.99
N THR A 164 -5.56 2.23 3.77
N THR A 164 -5.56 2.24 3.78
CA THR A 164 -5.32 3.63 4.00
CA THR A 164 -5.33 3.66 3.98
C THR A 164 -6.54 4.28 4.71
C THR A 164 -6.53 4.30 4.69
N LEU A 165 -6.29 4.93 5.85
CA LEU A 165 -7.37 5.58 6.63
C LEU A 165 -7.13 7.07 6.59
N TYR A 166 -8.23 7.85 6.62
CA TYR A 166 -8.22 9.29 6.70
C TYR A 166 -8.90 9.73 8.00
N ARG A 167 -8.15 10.47 8.83
CA ARG A 167 -8.64 10.91 10.15
C ARG A 167 -8.16 12.30 10.47
N ASN A 168 -9.13 13.14 10.87
CA ASN A 168 -8.86 14.47 11.38
C ASN A 168 -7.79 15.17 10.53
N GLY A 169 -7.89 15.05 9.20
CA GLY A 169 -6.95 15.65 8.24
C GLY A 169 -5.77 14.85 7.68
N TYR A 170 -5.53 13.65 8.23
CA TYR A 170 -4.30 12.89 7.96
C TYR A 170 -4.59 11.48 7.44
N HIS A 171 -3.76 11.07 6.49
CA HIS A 171 -3.75 9.75 5.87
C HIS A 171 -2.65 8.81 6.48
N GLY A 172 -2.98 7.52 6.60
CA GLY A 172 -2.03 6.54 7.12
C GLY A 172 -2.15 5.34 6.22
N ASP A 173 -1.03 4.72 5.87
CA ASP A 173 -0.96 3.86 4.71
C ASP A 173 -0.04 2.63 4.98
N LEU A 174 -0.59 1.43 4.86
CA LEU A 174 0.21 0.22 4.99
C LEU A 174 -0.38 -0.95 4.22
N ASN A 175 0.46 -1.95 3.99
CA ASN A 175 0.08 -3.15 3.30
C ASN A 175 1.01 -4.26 3.70
N GLU A 176 0.45 -5.47 3.65
CA GLU A 176 1.18 -6.72 3.77
C GLU A 176 0.61 -7.73 2.78
N THR A 177 1.47 -8.64 2.32
CA THR A 177 1.01 -9.80 1.56
C THR A 177 0.78 -10.96 2.52
N PHE A 178 -0.21 -11.80 2.22
CA PHE A 178 -0.56 -12.91 3.07
C PHE A 178 -0.60 -14.19 2.28
N PHE A 179 -0.59 -15.29 3.02
CA PHE A 179 -0.70 -16.62 2.43
C PHE A 179 -2.15 -17.11 2.52
N VAL A 180 -2.63 -17.74 1.44
CA VAL A 180 -3.95 -18.35 1.48
C VAL A 180 -3.75 -19.86 1.59
N GLY A 181 -4.11 -20.41 2.75
CA GLY A 181 -3.75 -21.75 3.15
C GLY A 181 -2.26 -22.02 2.99
N GLU A 182 -1.95 -23.16 2.35
CA GLU A 182 -0.59 -23.60 2.12
C GLU A 182 -0.18 -23.01 0.80
N VAL A 183 1.07 -22.56 0.70
CA VAL A 183 1.59 -21.94 -0.56
C VAL A 183 2.84 -22.68 -1.07
N ASP A 184 3.22 -22.51 -2.33
CA ASP A 184 4.45 -23.14 -2.81
C ASP A 184 5.73 -22.39 -2.37
N ASP A 185 6.87 -23.09 -2.42
CA ASP A 185 8.17 -22.55 -2.07
C ASP A 185 8.50 -21.24 -2.82
N GLY A 186 8.03 -21.10 -4.06
CA GLY A 186 8.14 -19.83 -4.77
C GLY A 186 7.46 -18.66 -4.03
N ALA A 187 6.27 -18.90 -3.53
CA ALA A 187 5.49 -17.87 -2.85
C ALA A 187 6.21 -17.38 -1.64
N ARG A 188 6.62 -18.33 -0.80
CA ARG A 188 7.34 -18.08 0.45
C ARG A 188 8.53 -17.22 0.21
N LYS A 189 9.29 -17.52 -0.82
CA LYS A 189 10.52 -16.85 -1.10
C LYS A 189 10.26 -15.46 -1.63
N LEU A 190 9.25 -15.30 -2.50
CA LEU A 190 8.91 -13.95 -3.03
C LEU A 190 8.45 -13.05 -1.85
N VAL A 191 7.56 -13.57 -1.04
CA VAL A 191 6.95 -12.80 0.03
C VAL A 191 8.04 -12.40 1.02
N GLN A 192 8.81 -13.39 1.48
CA GLN A 192 9.94 -13.20 2.35
C GLN A 192 10.87 -12.15 1.84
N THR A 193 11.31 -12.31 0.59
CA THR A 193 12.24 -11.38 -0.01
C THR A 193 11.68 -9.96 -0.12
N THR A 194 10.40 -9.85 -0.46
CA THR A 194 9.75 -8.53 -0.58
C THR A 194 9.82 -7.82 0.76
N TYR A 195 9.50 -8.56 1.83
CA TYR A 195 9.54 -7.98 3.21
C TYR A 195 10.94 -7.55 3.59
N GLU A 196 11.92 -8.41 3.30
CA GLU A 196 13.32 -8.04 3.56
C GLU A 196 13.73 -6.79 2.79
N CYS A 197 13.33 -6.69 1.53
CA CYS A 197 13.58 -5.46 0.76
C CYS A 197 13.07 -4.22 1.47
N LEU A 198 11.82 -4.24 1.94
CA LEU A 198 11.27 -3.13 2.71
C LEU A 198 12.08 -2.83 3.98
N MET A 199 12.33 -3.83 4.79
CA MET A 199 13.02 -3.63 6.04
C MET A 199 14.44 -3.10 5.80
N GLN A 200 15.10 -3.48 4.69
CA GLN A 200 16.45 -3.07 4.44
C GLN A 200 16.44 -1.62 4.03
N ALA A 201 15.45 -1.22 3.21
CA ALA A 201 15.31 0.18 2.89
C ALA A 201 14.99 1.04 4.13
N ILE A 202 14.15 0.53 5.02
CA ILE A 202 13.77 1.30 6.24
C ILE A 202 15.01 1.50 7.11
N ASP A 203 15.84 0.47 7.15
CA ASP A 203 17.05 0.48 7.93
C ASP A 203 18.03 1.57 7.54
N ALA A 204 17.94 2.02 6.27
CA ALA A 204 18.77 3.10 5.73
C ALA A 204 18.17 4.46 5.86
N VAL A 205 16.96 4.60 6.42
CA VAL A 205 16.33 5.89 6.51
C VAL A 205 16.92 6.65 7.71
N LYS A 206 17.39 7.86 7.42
CA LYS A 206 17.89 8.82 8.43
C LYS A 206 18.15 10.19 7.76
N PRO A 207 18.29 11.26 8.57
CA PRO A 207 18.63 12.54 7.96
C PRO A 207 19.88 12.37 7.15
N GLY A 208 19.88 12.93 5.95
CA GLY A 208 21.09 13.00 5.12
C GLY A 208 21.02 12.19 3.86
N VAL A 209 20.28 11.07 3.91
CA VAL A 209 20.16 10.16 2.78
C VAL A 209 19.23 10.72 1.66
N ARG A 210 19.66 10.46 0.44
CA ARG A 210 18.91 10.77 -0.76
C ARG A 210 17.78 9.78 -0.88
N TYR A 211 16.58 10.27 -1.13
CA TYR A 211 15.48 9.36 -1.46
C TYR A 211 15.83 8.36 -2.57
N ARG A 212 16.57 8.81 -3.59
CA ARG A 212 16.91 7.90 -4.69
C ARG A 212 17.71 6.68 -4.30
N GLU A 213 18.31 6.68 -3.12
CA GLU A 213 19.16 5.56 -2.65
C GLU A 213 18.39 4.26 -2.28
N LEU A 214 17.16 4.40 -1.78
CA LEU A 214 16.37 3.22 -1.35
C LEU A 214 16.11 2.22 -2.48
N GLY A 215 15.86 2.72 -3.69
CA GLY A 215 15.77 1.87 -4.88
C GLY A 215 16.98 1.03 -5.19
N ASN A 216 18.17 1.62 -4.98
CA ASN A 216 19.43 0.83 -5.05
C ASN A 216 19.43 -0.34 -4.10
N ILE A 217 18.99 -0.13 -2.87
CA ILE A 217 19.05 -1.18 -1.82
C ILE A 217 18.01 -2.23 -2.11
N ILE A 218 16.82 -1.74 -2.47
CA ILE A 218 15.71 -2.65 -2.78
C ILE A 218 16.08 -3.49 -4.00
N GLN A 219 16.44 -2.85 -5.11
CA GLN A 219 16.81 -3.66 -6.33
C GLN A 219 17.94 -4.62 -6.10
N LYS A 220 18.94 -4.18 -5.37
CA LYS A 220 20.09 -5.03 -5.06
C LYS A 220 19.71 -6.34 -4.36
N HIS A 221 18.83 -6.28 -3.35
CA HIS A 221 18.38 -7.51 -2.66
C HIS A 221 17.40 -8.39 -3.46
N ALA A 222 16.54 -7.74 -4.25
CA ALA A 222 15.60 -8.46 -5.11
C ALA A 222 16.36 -9.15 -6.24
N GLN A 223 17.32 -8.44 -6.86
CA GLN A 223 18.09 -9.03 -7.98
C GLN A 223 18.81 -10.25 -7.44
N ALA A 224 19.53 -10.08 -6.33
CA ALA A 224 20.15 -11.19 -5.58
C ALA A 224 19.30 -12.43 -5.34
N ASN A 225 17.99 -12.31 -5.36
CA ASN A 225 17.11 -13.46 -5.14
C ASN A 225 16.34 -13.88 -6.40
N GLY A 226 16.77 -13.31 -7.52
CA GLY A 226 16.23 -13.60 -8.85
C GLY A 226 14.94 -12.89 -9.22
N PHE A 227 14.65 -11.75 -8.58
CA PHE A 227 13.37 -11.08 -8.71
C PHE A 227 13.59 -9.70 -9.30
N SER A 228 12.52 -9.15 -9.87
CA SER A 228 12.52 -7.85 -10.50
C SER A 228 11.75 -6.86 -9.67
N VAL A 229 11.94 -5.58 -9.97
CA VAL A 229 11.35 -4.50 -9.24
C VAL A 229 10.45 -3.68 -10.15
N VAL A 230 9.17 -3.61 -9.80
CA VAL A 230 8.17 -2.86 -10.56
C VAL A 230 8.60 -1.39 -10.58
N ARG A 231 8.42 -0.73 -11.72
CA ARG A 231 8.94 0.63 -11.93
C ARG A 231 7.86 1.67 -11.97
N SER A 232 6.66 1.29 -12.41
CA SER A 232 5.60 2.19 -12.64
C SER A 232 4.91 2.65 -11.37
N TYR A 233 5.21 2.09 -10.19
CA TYR A 233 4.57 2.54 -8.92
C TYR A 233 5.66 2.74 -7.89
N CYS A 234 5.47 3.79 -7.09
CA CYS A 234 6.46 4.33 -6.21
C CYS A 234 5.85 4.56 -4.84
N GLY A 235 6.68 4.56 -3.83
CA GLY A 235 6.28 5.05 -2.52
C GLY A 235 6.12 6.54 -2.65
N HIS A 236 5.56 7.18 -1.65
CA HIS A 236 5.15 8.58 -1.77
C HIS A 236 5.15 9.24 -0.40
N GLY A 237 5.25 10.55 -0.38
CA GLY A 237 4.96 11.30 0.79
C GLY A 237 3.50 11.20 1.10
N ILE A 238 3.14 11.49 2.36
CA ILE A 238 1.77 11.31 2.75
C ILE A 238 1.54 12.03 4.05
N HIS A 239 0.42 12.75 4.14
CA HIS A 239 0.03 13.41 5.39
C HIS A 239 -1.34 14.00 5.14
N LYS A 240 -1.42 15.33 4.89
CA LYS A 240 -2.67 15.96 4.47
C LYS A 240 -3.11 15.50 3.09
N LEU A 241 -2.16 15.14 2.24
CA LEU A 241 -2.45 14.57 0.96
C LEU A 241 -2.16 13.05 1.03
N LEU A 242 -2.87 12.31 0.19
CA LEU A 242 -2.69 10.86 0.15
C LEU A 242 -1.39 10.53 -0.56
N HIS A 243 -1.13 11.23 -1.67
CA HIS A 243 0.10 11.12 -2.44
C HIS A 243 0.65 12.54 -2.67
N THR A 244 1.89 12.73 -2.30
CA THR A 244 2.55 14.00 -2.50
C THR A 244 4.03 13.71 -2.47
N ALA A 245 4.87 14.75 -2.39
CA ALA A 245 6.32 14.55 -2.44
C ALA A 245 6.85 13.96 -1.10
N PRO A 246 7.89 13.17 -1.15
CA PRO A 246 8.59 12.80 -2.34
C PRO A 246 7.90 11.68 -3.11
N ASN A 247 8.33 11.52 -4.35
CA ASN A 247 8.16 10.29 -5.05
C ASN A 247 9.41 9.48 -4.69
N VAL A 248 9.20 8.18 -4.44
CA VAL A 248 10.22 7.30 -3.92
C VAL A 248 10.15 6.00 -4.73
N PRO A 249 10.86 5.96 -5.86
CA PRO A 249 11.03 4.75 -6.68
C PRO A 249 11.73 3.62 -5.91
N HIS A 250 11.41 2.37 -6.25
CA HIS A 250 11.95 1.17 -5.58
C HIS A 250 13.05 0.46 -6.38
N TYR A 251 13.45 0.98 -7.55
CA TYR A 251 14.45 0.34 -8.45
C TYR A 251 15.75 1.20 -8.52
N ALA A 252 16.82 0.59 -9.03
CA ALA A 252 18.18 1.16 -9.01
C ALA A 252 18.35 2.33 -9.95
N LYS A 253 19.28 3.22 -9.61
CA LYS A 253 19.69 4.31 -10.50
C LYS A 253 18.48 5.03 -11.01
N ASN A 254 17.58 5.35 -10.09
CA ASN A 254 16.48 6.21 -10.39
C ASN A 254 16.91 7.63 -10.10
N LYS A 255 16.11 8.56 -10.56
CA LYS A 255 16.47 9.95 -10.53
C LYS A 255 15.52 10.72 -9.61
N ALA A 256 15.16 10.16 -8.46
CA ALA A 256 14.33 10.88 -7.46
C ALA A 256 15.10 12.07 -6.88
N VAL A 257 14.37 13.09 -6.50
CA VAL A 257 14.95 14.28 -5.96
C VAL A 257 14.54 14.45 -4.53
N GLY A 258 15.49 14.86 -3.71
CA GLY A 258 15.23 15.15 -2.32
C GLY A 258 16.18 14.38 -1.45
N VAL A 259 16.27 14.89 -0.23
CA VAL A 259 17.15 14.41 0.79
C VAL A 259 16.32 14.31 2.06
N MET A 260 16.49 13.18 2.77
CA MET A 260 15.76 12.94 4.02
C MET A 260 16.14 13.90 5.17
N LYS A 261 15.10 14.36 5.88
CA LYS A 261 15.21 15.26 7.01
C LYS A 261 14.28 14.86 8.07
N SER A 262 14.69 15.07 9.30
CA SER A 262 13.80 14.86 10.43
C SER A 262 12.52 15.69 10.28
N GLY A 263 11.36 15.03 10.44
CA GLY A 263 10.06 15.65 10.14
C GLY A 263 9.42 15.33 8.78
N HIS A 264 10.17 14.74 7.83
CA HIS A 264 9.54 14.13 6.64
C HIS A 264 8.74 12.84 6.97
N VAL A 265 7.56 12.70 6.38
CA VAL A 265 6.81 11.43 6.45
C VAL A 265 6.53 10.95 5.02
N PHE A 266 6.84 9.68 4.78
CA PHE A 266 6.58 9.05 3.46
C PHE A 266 6.49 7.53 3.55
N THR A 267 6.08 6.91 2.44
CA THR A 267 5.99 5.47 2.36
C THR A 267 7.15 4.84 1.58
N ILE A 268 7.51 3.63 1.99
CA ILE A 268 8.24 2.68 1.14
C ILE A 268 7.26 1.51 0.92
N GLU A 269 7.07 1.12 -0.34
CA GLU A 269 6.02 0.08 -0.69
C GLU A 269 6.39 -0.81 -1.89
N PRO A 270 7.54 -1.45 -1.79
CA PRO A 270 8.08 -2.18 -2.93
C PRO A 270 7.25 -3.36 -3.37
N MET A 271 7.01 -3.38 -4.67
CA MET A 271 6.42 -4.48 -5.39
C MET A 271 7.54 -5.20 -6.17
N ILE A 272 7.63 -6.51 -5.95
CA ILE A 272 8.70 -7.34 -6.45
C ILE A 272 8.05 -8.47 -7.25
N CYS A 273 8.72 -8.91 -8.32
CA CYS A 273 8.09 -9.92 -9.19
C CYS A 273 8.90 -11.24 -9.45
N GLU A 274 8.15 -12.32 -9.60
CA GLU A 274 8.70 -13.63 -9.88
C GLU A 274 9.35 -13.76 -11.26
N GLY A 275 9.07 -12.80 -12.15
CA GLY A 275 9.48 -12.78 -13.55
C GLY A 275 9.98 -11.38 -13.83
N GLY A 276 9.49 -10.77 -14.91
CA GLY A 276 9.94 -9.42 -15.26
C GLY A 276 9.12 -8.34 -14.56
N TRP A 277 9.61 -7.10 -14.66
CA TRP A 277 9.04 -5.96 -13.94
C TRP A 277 7.88 -5.25 -14.64
N GLN A 278 7.65 -5.57 -15.90
CA GLN A 278 6.69 -4.82 -16.69
C GLN A 278 5.26 -5.06 -16.15
N ASP A 279 4.48 -4.01 -16.20
CA ASP A 279 3.11 -4.01 -15.69
C ASP A 279 2.19 -3.47 -16.75
N GLU A 280 0.95 -3.90 -16.72
CA GLU A 280 -0.09 -3.22 -17.46
C GLU A 280 -1.36 -3.15 -16.58
N THR A 281 -2.30 -2.32 -16.98
CA THR A 281 -3.50 -2.06 -16.22
C THR A 281 -4.68 -2.72 -16.90
N TRP A 282 -5.45 -3.54 -16.18
CA TRP A 282 -6.79 -4.06 -16.59
C TRP A 282 -7.74 -3.01 -17.09
N PRO A 283 -8.76 -3.40 -17.88
CA PRO A 283 -9.72 -2.41 -18.32
C PRO A 283 -10.45 -1.66 -17.23
N ASP A 284 -10.52 -2.20 -16.00
CA ASP A 284 -11.10 -1.40 -14.89
C ASP A 284 -10.37 -0.08 -14.61
N GLY A 285 -9.16 0.12 -15.17
CA GLY A 285 -8.47 1.40 -15.01
C GLY A 285 -7.61 1.40 -13.75
N TRP A 286 -7.58 0.30 -12.97
CA TRP A 286 -6.87 0.26 -11.70
C TRP A 286 -5.95 -0.92 -11.49
N THR A 287 -6.46 -2.11 -11.76
CA THR A 287 -5.79 -3.30 -11.40
C THR A 287 -4.52 -3.39 -12.25
N ALA A 288 -3.38 -3.27 -11.59
CA ALA A 288 -2.09 -3.43 -12.22
C ALA A 288 -1.67 -4.88 -12.12
N VAL A 289 -1.23 -5.46 -13.25
CA VAL A 289 -0.75 -6.84 -13.28
C VAL A 289 0.60 -6.93 -14.00
N THR A 290 1.32 -7.99 -13.70
CA THR A 290 2.57 -8.29 -14.41
C THR A 290 2.22 -8.62 -15.86
N ARG A 291 2.84 -7.92 -16.80
CA ARG A 291 2.62 -8.23 -18.23
C ARG A 291 2.90 -9.70 -18.53
N ASP A 292 3.79 -10.33 -17.76
CA ASP A 292 4.04 -11.77 -17.95
C ASP A 292 3.17 -12.78 -17.17
N GLY A 293 2.21 -12.33 -16.36
CA GLY A 293 1.37 -13.25 -15.59
C GLY A 293 1.96 -13.93 -14.36
N LYS A 294 3.18 -13.59 -14.02
CA LYS A 294 3.84 -14.21 -12.86
C LYS A 294 3.49 -13.38 -11.62
N ARG A 295 3.76 -13.95 -10.47
CA ARG A 295 3.36 -13.37 -9.18
C ARG A 295 4.22 -12.18 -8.73
N SER A 296 3.56 -11.24 -8.03
CA SER A 296 4.21 -10.07 -7.41
C SER A 296 3.68 -9.89 -5.98
N ALA A 297 4.56 -9.54 -5.05
CA ALA A 297 4.23 -9.36 -3.64
C ALA A 297 4.67 -7.92 -3.27
N GLN A 298 4.02 -7.36 -2.22
CA GLN A 298 4.28 -6.02 -1.77
C GLN A 298 4.17 -5.90 -0.25
N PHE A 299 4.97 -5.02 0.35
CA PHE A 299 4.82 -4.58 1.75
C PHE A 299 4.96 -3.06 1.78
N GLU A 300 4.35 -2.41 2.78
CA GLU A 300 4.30 -0.98 2.87
C GLU A 300 4.22 -0.57 4.31
N HIS A 301 5.02 0.46 4.65
CA HIS A 301 4.95 1.15 5.91
C HIS A 301 5.00 2.60 5.59
N THR A 302 4.36 3.41 6.43
CA THR A 302 4.52 4.86 6.50
C THR A 302 5.59 5.11 7.57
N LEU A 303 6.54 5.98 7.23
CA LEU A 303 7.77 6.25 8.02
C LEU A 303 7.79 7.73 8.32
N LEU A 304 8.33 8.06 9.51
CA LEU A 304 8.68 9.42 9.90
C LEU A 304 10.19 9.47 10.15
N VAL A 305 10.87 10.40 9.51
CA VAL A 305 12.30 10.58 9.74
C VAL A 305 12.52 11.29 11.10
N THR A 306 13.45 10.81 11.88
CA THR A 306 13.77 11.40 13.19
C THR A 306 15.27 11.73 13.12
N ASP A 307 15.84 12.31 14.18
CA ASP A 307 17.31 12.52 14.21
C ASP A 307 18.11 11.20 14.17
N THR A 308 17.61 10.18 14.86
CA THR A 308 18.31 8.90 15.03
C THR A 308 18.21 8.04 13.71
N GLY A 309 17.04 8.04 13.10
CA GLY A 309 16.78 7.19 11.96
C GLY A 309 15.39 7.50 11.53
N CYS A 310 14.48 6.58 11.83
CA CYS A 310 13.07 6.78 11.51
C CYS A 310 12.20 5.89 12.33
N GLU A 311 10.97 6.34 12.49
CA GLU A 311 9.94 5.70 13.31
C GLU A 311 8.99 5.01 12.30
N ILE A 312 8.63 3.77 12.55
CA ILE A 312 7.67 3.06 11.68
C ILE A 312 6.28 3.26 12.28
N LEU A 313 5.53 4.21 11.71
CA LEU A 313 4.24 4.64 12.28
C LEU A 313 3.18 3.58 12.14
N THR A 314 3.35 2.68 11.19
CA THR A 314 2.34 1.72 10.87
C THR A 314 2.73 0.35 11.40
N ARG A 315 3.68 0.30 12.34
CA ARG A 315 4.17 -0.95 12.94
C ARG A 315 3.15 -1.64 13.78
N ARG A 316 3.34 -2.93 13.95
CA ARG A 316 2.54 -3.68 14.94
C ARG A 316 3.04 -3.33 16.31
N LEU A 317 2.11 -3.22 17.25
CA LEU A 317 2.45 -3.00 18.65
C LEU A 317 2.44 -4.29 19.52
N ASP A 318 1.78 -5.33 19.03
CA ASP A 318 1.47 -6.56 19.81
C ASP A 318 2.30 -7.76 19.39
N SER A 319 3.03 -7.63 18.27
CA SER A 319 3.67 -8.77 17.62
C SER A 319 4.99 -8.34 16.93
N ALA A 320 6.05 -9.13 17.16
CA ALA A 320 7.38 -8.92 16.52
C ALA A 320 7.36 -8.86 14.99
N ARG A 321 6.44 -9.57 14.35
CA ARG A 321 6.60 -9.93 12.92
C ARG A 321 5.38 -9.60 12.08
N PRO A 322 5.56 -9.51 10.75
CA PRO A 322 4.35 -9.52 9.92
C PRO A 322 3.62 -10.87 9.97
N HIS A 323 2.37 -10.86 9.54
CA HIS A 323 1.39 -11.93 9.72
C HIS A 323 1.85 -13.17 9.05
N PHE A 324 2.39 -13.01 7.86
CA PHE A 324 2.84 -14.12 7.06
C PHE A 324 3.87 -15.01 7.78
N MET A 325 4.72 -14.41 8.65
CA MET A 325 5.74 -15.13 9.44
CA MET A 325 5.74 -15.19 9.36
C MET A 325 5.18 -16.11 10.45
N SER A 326 3.91 -15.97 10.79
CA SER A 326 3.25 -16.91 11.73
C SER A 326 2.47 -17.92 10.88
CO CO B . -0.78 1.69 0.37
CO CO C . 1.29 3.97 -0.26
CO CO D . -1.00 3.18 -4.89
CO CO E . -13.98 -17.63 -10.66
NA NA F . 0.24 -10.08 -6.14
N MET G . -2.74 2.62 -0.29
CA MET G . -2.40 2.86 -1.70
C MET G . -1.03 3.50 -1.88
O MET G . -0.06 3.15 -1.20
CB MET G . -3.47 3.76 -2.31
CG MET G . -4.24 3.13 -3.46
SD MET G . -5.88 3.84 -3.43
CE MET G . -6.66 3.19 -4.89
OXT MET G . -0.85 4.40 -2.72
#